data_1GVG
#
_entry.id   1GVG
#
_cell.length_a   64.270
_cell.length_b   69.520
_cell.length_c   70.190
_cell.angle_alpha   90.00
_cell.angle_beta   90.00
_cell.angle_gamma   90.00
#
_symmetry.space_group_name_H-M   'P 21 21 21'
#
loop_
_entity.id
_entity.type
_entity.pdbx_description
1 polymer 'CLAVAMINATE SYNTHASE 1'
2 non-polymer 'FE (III) ION'
3 non-polymer '2-OXOGLUTARIC ACID'
4 non-polymer 'SULFATE ION'
5 non-polymer 'DEOXYGUANIDINOPROCLAVAMINIC ACID'
6 non-polymer HYDROXYAMINE
7 water water
#
_entity_poly.entity_id   1
_entity_poly.type   'polypeptide(L)'
_entity_poly.pdbx_seq_one_letter_code
;MTSVDCTAYGPELRALAARLPRTPRADLYAFLDAAHTAAASLPGALATALDTFNAEGSEDGHLLLRGLPVEADADLPTTP
SSTPAPEDRSLLTMEAMLGLVGRRLGLHTGYRELRSGTVYHDVYPSPGAHHLSSETSETLLEFHTEMAYHRLQPNYVMLA
CSRADHERTAATLVASVRKALPLLDERTRARLLDRRMPCCVDVAFRGGVDDPGAIAQVKPLYGDADDPFLGYDRELLAPE
DPADKEAVAALSKALDEVTEAVYLEPGDLLIVDNFRTTHARTPFSPRWDGKDRWLHRVYIRTDRNGQLSGGERAGDVVAF
TPRG
;
_entity_poly.pdbx_strand_id   A
#
loop_
_chem_comp.id
_chem_comp.type
_chem_comp.name
_chem_comp.formula
AKG non-polymer '2-OXOGLUTARIC ACID' 'C5 H6 O5'
FE non-polymer 'FE (III) ION' 'Fe 3'
HOA non-polymer HYDROXYAMINE 'H3 N O'
PCX non-polymer 'DEOXYGUANIDINOPROCLAVAMINIC ACID' 'C9 H16 N4 O3'
SO4 non-polymer 'SULFATE ION' 'O4 S -2'
#
# COMPACT_ATOMS: atom_id res chain seq x y z
N THR A 2 12.83 -3.34 5.61
CA THR A 2 13.10 -3.34 7.09
C THR A 2 12.01 -4.20 7.71
N SER A 3 12.37 -5.08 8.63
CA SER A 3 11.36 -5.95 9.23
C SER A 3 11.55 -6.03 10.71
N VAL A 4 10.46 -6.28 11.39
CA VAL A 4 10.51 -6.40 12.84
C VAL A 4 9.57 -7.55 13.21
N ASP A 5 9.97 -8.34 14.20
CA ASP A 5 9.14 -9.47 14.63
C ASP A 5 8.41 -9.02 15.88
N CYS A 6 7.07 -8.93 15.79
CA CYS A 6 6.25 -8.47 16.91
C CYS A 6 5.58 -9.54 17.72
N THR A 7 5.99 -10.77 17.50
CA THR A 7 5.39 -11.91 18.20
C THR A 7 5.24 -11.72 19.71
N ALA A 8 6.26 -11.18 20.36
CA ALA A 8 6.23 -11.00 21.81
C ALA A 8 5.09 -10.09 22.28
N TYR A 9 4.63 -9.22 21.39
CA TYR A 9 3.59 -8.30 21.75
C TYR A 9 2.18 -8.74 21.41
N GLY A 10 2.02 -10.02 21.09
CA GLY A 10 0.71 -10.56 20.74
C GLY A 10 -0.36 -10.23 21.77
N PRO A 11 -0.13 -10.54 23.04
CA PRO A 11 -1.15 -10.24 24.06
C PRO A 11 -1.53 -8.77 24.12
N GLU A 12 -0.54 -7.88 24.15
CA GLU A 12 -0.82 -6.46 24.21
C GLU A 12 -1.55 -5.94 22.98
N LEU A 13 -1.17 -6.46 21.81
CA LEU A 13 -1.82 -6.01 20.58
C LEU A 13 -3.25 -6.53 20.49
N ARG A 14 -3.50 -7.74 20.99
CA ARG A 14 -4.87 -8.28 20.97
C ARG A 14 -5.73 -7.45 21.94
N ALA A 15 -5.14 -6.97 23.04
CA ALA A 15 -5.88 -6.13 23.96
C ALA A 15 -6.27 -4.81 23.24
N LEU A 16 -5.31 -4.15 22.58
CA LEU A 16 -5.62 -2.91 21.90
C LEU A 16 -6.70 -3.15 20.82
N ALA A 17 -6.64 -4.27 20.12
CA ALA A 17 -7.64 -4.56 19.07
C ALA A 17 -9.03 -4.65 19.72
N ALA A 18 -9.08 -5.21 20.93
CA ALA A 18 -10.33 -5.35 21.69
C ALA A 18 -10.97 -4.00 22.08
N ARG A 19 -10.20 -2.92 22.08
CA ARG A 19 -10.75 -1.60 22.41
C ARG A 19 -11.64 -1.06 21.30
N LEU A 20 -11.41 -1.55 20.09
CA LEU A 20 -12.10 -1.01 18.94
C LEU A 20 -13.52 -1.51 18.67
N PRO A 21 -14.35 -0.65 18.08
CA PRO A 21 -15.72 -1.02 17.75
C PRO A 21 -15.68 -2.29 16.88
N ARG A 22 -16.56 -3.26 17.14
CA ARG A 22 -16.56 -4.53 16.40
C ARG A 22 -17.17 -4.51 15.01
N THR A 23 -17.86 -3.43 14.64
CA THR A 23 -18.44 -3.32 13.29
C THR A 23 -17.86 -2.02 12.74
N PRO A 24 -16.61 -2.06 12.26
CA PRO A 24 -15.98 -0.84 11.77
C PRO A 24 -16.66 0.03 10.76
N ARG A 25 -17.22 -0.62 9.74
CA ARG A 25 -17.79 0.15 8.65
C ARG A 25 -19.10 0.83 8.97
N ALA A 26 -19.76 0.40 10.05
CA ALA A 26 -21.04 1.04 10.42
C ALA A 26 -20.80 2.46 10.93
N ASP A 27 -19.60 2.76 11.40
CA ASP A 27 -19.25 4.12 11.84
C ASP A 27 -17.73 4.16 11.81
N LEU A 28 -17.24 4.30 10.59
CA LEU A 28 -15.81 4.27 10.32
C LEU A 28 -15.08 5.43 10.99
N TYR A 29 -15.69 6.61 11.04
CA TYR A 29 -15.01 7.72 11.71
C TYR A 29 -14.81 7.42 13.18
N ALA A 30 -15.84 6.89 13.84
CA ALA A 30 -15.70 6.56 15.26
C ALA A 30 -14.70 5.42 15.47
N PHE A 31 -14.72 4.45 14.56
CA PHE A 31 -13.80 3.32 14.66
C PHE A 31 -12.36 3.80 14.58
N LEU A 32 -12.09 4.66 13.61
CA LEU A 32 -10.73 5.15 13.43
C LEU A 32 -10.31 6.13 14.53
N ASP A 33 -11.27 6.84 15.13
CA ASP A 33 -10.93 7.73 16.24
C ASP A 33 -10.51 6.83 17.41
N ALA A 34 -11.24 5.73 17.62
CA ALA A 34 -10.90 4.78 18.67
C ALA A 34 -9.51 4.23 18.38
N ALA A 35 -9.23 3.94 17.11
CA ALA A 35 -7.90 3.41 16.78
C ALA A 35 -6.81 4.43 17.07
N HIS A 36 -7.10 5.71 16.86
CA HIS A 36 -6.14 6.77 17.12
C HIS A 36 -5.82 6.83 18.62
N THR A 37 -6.86 6.82 19.44
CA THR A 37 -6.64 6.85 20.87
C THR A 37 -5.80 5.65 21.31
N ALA A 38 -6.13 4.47 20.78
CA ALA A 38 -5.40 3.26 21.09
C ALA A 38 -3.95 3.30 20.59
N ALA A 39 -3.70 3.94 19.43
CA ALA A 39 -2.35 3.99 18.88
C ALA A 39 -1.38 4.72 19.81
N ALA A 40 -1.91 5.49 20.75
CA ALA A 40 -1.06 6.20 21.68
C ALA A 40 -0.53 5.21 22.72
N SER A 41 -1.14 4.03 22.81
CA SER A 41 -0.67 3.03 23.76
C SER A 41 -0.02 1.82 23.14
N LEU A 42 0.50 1.96 21.92
CA LEU A 42 1.19 0.83 21.29
C LEU A 42 2.45 0.55 22.09
N PRO A 43 2.96 -0.69 22.01
CA PRO A 43 4.20 -1.03 22.71
C PRO A 43 5.28 -0.05 22.25
N GLY A 44 6.16 0.34 23.18
CA GLY A 44 7.21 1.30 22.84
C GLY A 44 8.04 0.96 21.62
N ALA A 45 8.42 -0.30 21.49
CA ALA A 45 9.24 -0.71 20.34
C ALA A 45 8.53 -0.44 19.01
N LEU A 46 7.23 -0.73 18.97
CA LEU A 46 6.44 -0.55 17.76
C LEU A 46 6.24 0.91 17.46
N ALA A 47 5.86 1.68 18.48
CA ALA A 47 5.66 3.11 18.28
C ALA A 47 6.94 3.74 17.73
N THR A 48 8.09 3.40 18.29
CA THR A 48 9.35 3.95 17.83
C THR A 48 9.64 3.55 16.37
N ALA A 49 9.47 2.27 16.08
CA ALA A 49 9.71 1.81 14.73
C ALA A 49 8.80 2.51 13.72
N LEU A 50 7.52 2.66 14.06
CA LEU A 50 6.61 3.33 13.14
C LEU A 50 6.93 4.84 13.00
N ASP A 51 7.19 5.53 14.11
CA ASP A 51 7.50 6.94 14.04
C ASP A 51 8.78 7.20 13.24
N THR A 52 9.78 6.34 13.42
CA THR A 52 11.03 6.50 12.69
C THR A 52 10.83 6.28 11.20
N PHE A 53 10.12 5.22 10.83
CA PHE A 53 9.86 4.97 9.42
C PHE A 53 9.01 6.10 8.82
N ASN A 54 8.05 6.59 9.59
CA ASN A 54 7.17 7.64 9.10
C ASN A 54 7.98 8.91 8.80
N ALA A 55 8.91 9.26 9.68
CA ALA A 55 9.68 10.46 9.47
C ALA A 55 10.83 10.38 8.49
N GLU A 56 11.50 9.24 8.44
CA GLU A 56 12.70 9.10 7.62
C GLU A 56 12.62 8.12 6.48
N GLY A 57 11.56 7.30 6.45
CA GLY A 57 11.53 6.25 5.45
C GLY A 57 12.68 5.29 5.78
N SER A 58 13.08 4.50 4.77
CA SER A 58 14.24 3.62 4.96
C SER A 58 14.92 3.48 3.60
N GLU A 59 16.09 2.85 3.58
CA GLU A 59 16.76 2.67 2.29
C GLU A 59 15.96 1.74 1.37
N ASP A 60 15.30 0.73 1.96
CA ASP A 60 14.53 -0.22 1.18
C ASP A 60 13.05 0.14 0.95
N GLY A 61 12.64 1.27 1.52
CA GLY A 61 11.29 1.74 1.24
C GLY A 61 10.13 0.99 1.84
N HIS A 62 10.35 0.09 2.80
CA HIS A 62 9.20 -0.58 3.39
C HIS A 62 9.48 -1.04 4.80
N LEU A 63 8.41 -1.20 5.59
CA LEU A 63 8.56 -1.71 6.94
C LEU A 63 7.57 -2.86 7.06
N LEU A 64 8.11 -4.05 7.32
CA LEU A 64 7.30 -5.25 7.46
C LEU A 64 7.18 -5.60 8.93
N LEU A 65 5.94 -5.64 9.45
CA LEU A 65 5.67 -6.05 10.83
C LEU A 65 5.26 -7.51 10.71
N ARG A 66 6.07 -8.41 11.25
CA ARG A 66 5.76 -9.83 11.18
C ARG A 66 5.26 -10.41 12.50
N GLY A 67 4.35 -11.38 12.43
CA GLY A 67 3.89 -12.03 13.64
C GLY A 67 2.88 -11.26 14.46
N LEU A 68 2.17 -10.31 13.84
CA LEU A 68 1.13 -9.61 14.55
C LEU A 68 0.01 -10.61 14.76
N PRO A 69 -0.88 -10.34 15.73
CA PRO A 69 -1.96 -11.31 15.92
C PRO A 69 -2.88 -11.42 14.71
N VAL A 70 -3.38 -12.63 14.52
CA VAL A 70 -4.31 -12.94 13.45
C VAL A 70 -5.11 -14.16 13.91
N GLU A 71 -6.35 -14.24 13.46
CA GLU A 71 -7.20 -15.36 13.80
C GLU A 71 -6.64 -16.69 13.30
N ALA A 72 -7.05 -17.77 13.95
CA ALA A 72 -6.73 -19.09 13.45
C ALA A 72 -7.46 -19.16 12.09
N ASP A 73 -6.89 -19.86 11.13
CA ASP A 73 -7.53 -19.93 9.83
C ASP A 73 -8.97 -20.39 9.87
N ALA A 74 -9.26 -21.36 10.75
CA ALA A 74 -10.62 -21.88 10.87
C ALA A 74 -11.62 -20.87 11.43
N ASP A 75 -11.11 -19.82 12.08
CA ASP A 75 -11.97 -18.79 12.65
C ASP A 75 -12.18 -17.57 11.76
N LEU A 76 -11.46 -17.52 10.66
CA LEU A 76 -11.64 -16.45 9.72
C LEU A 76 -12.84 -16.78 8.82
N PRO A 77 -13.47 -15.74 8.27
CA PRO A 77 -14.58 -16.00 7.37
C PRO A 77 -14.01 -16.70 6.12
N THR A 78 -14.90 -17.17 5.26
CA THR A 78 -14.52 -17.71 3.98
C THR A 78 -13.87 -16.51 3.23
N THR A 79 -12.83 -16.75 2.43
CA THR A 79 -12.20 -15.65 1.69
C THR A 79 -13.27 -14.97 0.83
N PRO A 80 -13.34 -13.64 0.87
CA PRO A 80 -14.34 -12.90 0.08
C PRO A 80 -14.28 -13.25 -1.42
N SER A 81 -15.44 -13.12 -2.06
CA SER A 81 -15.55 -13.39 -3.47
C SER A 81 -16.10 -12.16 -4.18
N SER A 82 -16.34 -11.08 -3.42
CA SER A 82 -16.89 -9.88 -4.03
C SER A 82 -16.48 -8.64 -3.24
N THR A 83 -16.70 -7.49 -3.86
CA THR A 83 -16.40 -6.18 -3.30
C THR A 83 -17.53 -5.22 -3.70
N PRO A 84 -17.87 -4.25 -2.84
CA PRO A 84 -17.26 -4.00 -1.55
C PRO A 84 -17.75 -4.95 -0.47
N ALA A 85 -17.12 -4.85 0.69
CA ALA A 85 -17.46 -5.71 1.80
C ALA A 85 -18.75 -5.26 2.50
N PRO A 86 -19.49 -6.21 3.08
CA PRO A 86 -20.73 -5.87 3.78
C PRO A 86 -20.38 -4.87 4.90
N GLU A 87 -21.18 -3.82 5.05
CA GLU A 87 -20.90 -2.81 6.08
C GLU A 87 -20.97 -3.38 7.51
N ASP A 88 -21.76 -4.45 7.69
CA ASP A 88 -21.94 -5.09 8.98
C ASP A 88 -20.83 -6.11 9.30
N ARG A 89 -19.84 -6.30 8.41
CA ARG A 89 -18.85 -7.34 8.69
C ARG A 89 -18.10 -7.10 9.99
N SER A 90 -18.04 -8.14 10.80
CA SER A 90 -17.32 -8.01 12.07
C SER A 90 -15.82 -7.79 11.87
N LEU A 91 -15.26 -6.99 12.78
CA LEU A 91 -13.83 -6.66 12.72
C LEU A 91 -12.93 -7.88 12.75
N LEU A 92 -11.97 -7.89 11.82
CA LEU A 92 -10.97 -8.98 11.78
C LEU A 92 -9.70 -8.42 12.45
N THR A 93 -8.94 -9.28 13.12
CA THR A 93 -7.76 -8.83 13.85
C THR A 93 -6.77 -8.07 12.96
N MET A 94 -6.53 -8.55 11.73
CA MET A 94 -5.59 -7.83 10.87
C MET A 94 -6.12 -6.46 10.50
N GLU A 95 -7.45 -6.31 10.40
CA GLU A 95 -8.04 -4.98 10.15
C GLU A 95 -7.83 -4.08 11.37
N ALA A 96 -7.92 -4.64 12.57
CA ALA A 96 -7.65 -3.86 13.78
C ALA A 96 -6.20 -3.41 13.77
N MET A 97 -5.28 -4.29 13.34
CA MET A 97 -3.88 -3.87 13.27
C MET A 97 -3.71 -2.72 12.26
N LEU A 98 -4.38 -2.81 11.11
CA LEU A 98 -4.28 -1.72 10.14
C LEU A 98 -4.87 -0.44 10.74
N GLY A 99 -5.83 -0.58 11.64
CA GLY A 99 -6.40 0.63 12.22
C GLY A 99 -5.42 1.29 13.16
N LEU A 100 -4.83 0.48 14.03
CA LEU A 100 -3.86 0.99 15.01
C LEU A 100 -2.60 1.51 14.37
N VAL A 101 -1.97 0.67 13.56
CA VAL A 101 -0.73 1.07 12.89
C VAL A 101 -0.99 2.22 11.93
N GLY A 102 -2.09 2.13 11.16
CA GLY A 102 -2.41 3.21 10.25
C GLY A 102 -2.60 4.54 10.95
N ARG A 103 -3.33 4.58 12.07
CA ARG A 103 -3.54 5.87 12.75
C ARG A 103 -2.26 6.40 13.39
N ARG A 104 -1.35 5.51 13.76
CA ARG A 104 -0.07 5.99 14.29
C ARG A 104 0.64 6.75 13.16
N LEU A 105 0.48 6.29 11.92
CA LEU A 105 1.13 6.92 10.77
C LEU A 105 0.43 8.13 10.16
N GLY A 106 -0.89 8.10 10.15
CA GLY A 106 -1.62 9.17 9.50
C GLY A 106 -3.10 8.90 9.37
N LEU A 107 -3.67 9.37 8.27
CA LEU A 107 -5.10 9.27 8.05
C LEU A 107 -5.56 8.31 6.97
N HIS A 108 -6.32 7.30 7.36
CA HIS A 108 -6.86 6.37 6.35
C HIS A 108 -7.68 7.20 5.36
N THR A 109 -7.55 6.87 4.09
CA THR A 109 -8.22 7.60 3.03
C THR A 109 -8.86 6.66 1.98
N GLY A 110 -10.13 6.94 1.65
CA GLY A 110 -10.82 6.22 0.59
C GLY A 110 -10.76 7.11 -0.66
N TYR A 111 -10.94 6.51 -1.84
CA TYR A 111 -10.87 7.21 -3.11
C TYR A 111 -12.20 6.89 -3.77
N ARG A 112 -12.99 7.95 -3.92
CA ARG A 112 -14.36 7.83 -4.42
C ARG A 112 -14.66 6.84 -5.53
N GLU A 113 -13.83 6.88 -6.57
CA GLU A 113 -14.06 6.07 -7.75
C GLU A 113 -13.54 4.66 -7.67
N LEU A 114 -12.77 4.38 -6.60
CA LEU A 114 -12.12 3.08 -6.39
C LEU A 114 -12.80 2.25 -5.29
N ARG A 115 -13.17 1.02 -5.63
CA ARG A 115 -13.82 0.12 -4.68
C ARG A 115 -14.99 0.79 -3.95
N SER A 116 -15.82 1.49 -4.70
CA SER A 116 -17.00 2.14 -4.15
C SER A 116 -16.68 3.17 -3.07
N GLY A 117 -15.47 3.72 -3.08
CA GLY A 117 -15.09 4.70 -2.10
C GLY A 117 -14.79 4.14 -0.72
N THR A 118 -14.64 2.82 -0.62
CA THR A 118 -14.35 2.24 0.69
C THR A 118 -12.91 2.45 1.11
N VAL A 119 -12.67 2.30 2.41
CA VAL A 119 -11.35 2.51 2.99
C VAL A 119 -10.57 1.20 3.13
N TYR A 120 -11.23 0.15 3.62
CA TYR A 120 -10.63 -1.16 3.77
C TYR A 120 -10.95 -2.00 2.52
N HIS A 121 -9.92 -2.43 1.81
CA HIS A 121 -10.13 -3.23 0.61
C HIS A 121 -9.65 -4.65 0.79
N ASP A 122 -10.51 -5.61 0.51
CA ASP A 122 -10.09 -7.01 0.53
C ASP A 122 -9.37 -7.27 -0.79
N VAL A 123 -8.18 -7.85 -0.72
CA VAL A 123 -7.40 -8.19 -1.92
C VAL A 123 -7.38 -9.72 -2.01
N TYR A 124 -8.18 -10.25 -2.95
CA TYR A 124 -8.35 -11.69 -3.17
C TYR A 124 -8.44 -11.93 -4.66
N PRO A 125 -8.15 -13.15 -5.11
CA PRO A 125 -8.22 -13.48 -6.54
C PRO A 125 -9.65 -13.66 -7.00
N SER A 126 -9.91 -13.29 -8.25
CA SER A 126 -11.25 -13.48 -8.80
C SER A 126 -11.09 -13.96 -10.23
N PRO A 127 -11.88 -14.97 -10.64
CA PRO A 127 -11.82 -15.53 -11.99
C PRO A 127 -12.06 -14.46 -13.05
N GLY A 128 -11.30 -14.53 -14.14
CA GLY A 128 -11.46 -13.59 -15.23
C GLY A 128 -11.06 -12.16 -14.94
N ALA A 129 -10.19 -11.99 -13.95
CA ALA A 129 -9.71 -10.67 -13.54
C ALA A 129 -9.11 -9.86 -14.67
N HIS A 130 -9.35 -8.55 -14.64
CA HIS A 130 -8.75 -7.65 -15.64
C HIS A 130 -7.25 -7.69 -15.32
N HIS A 131 -6.39 -7.63 -16.34
CA HIS A 131 -4.95 -7.73 -16.06
C HIS A 131 -4.34 -6.66 -15.17
N LEU A 132 -4.97 -5.49 -15.09
CA LEU A 132 -4.49 -4.41 -14.24
C LEU A 132 -5.38 -4.30 -13.01
N SER A 133 -5.47 -5.37 -12.26
CA SER A 133 -6.29 -5.34 -11.06
C SER A 133 -5.76 -6.24 -9.95
N SER A 134 -6.14 -5.86 -8.74
CA SER A 134 -5.73 -6.57 -7.55
C SER A 134 -6.28 -8.00 -7.51
N GLU A 135 -7.25 -8.29 -8.38
CA GLU A 135 -7.87 -9.61 -8.45
C GLU A 135 -7.08 -10.61 -9.27
N THR A 136 -5.95 -10.18 -9.83
CA THR A 136 -5.15 -11.09 -10.64
C THR A 136 -4.47 -12.15 -9.80
N SER A 137 -4.08 -13.23 -10.46
CA SER A 137 -3.43 -14.31 -9.74
C SER A 137 -2.37 -14.90 -10.66
N GLU A 138 -2.79 -15.60 -11.71
CA GLU A 138 -1.80 -16.21 -12.60
C GLU A 138 -1.03 -15.21 -13.47
N THR A 139 -1.56 -14.01 -13.64
CA THR A 139 -0.88 -12.99 -14.42
C THR A 139 -0.10 -12.06 -13.48
N LEU A 140 1.19 -11.88 -13.72
CA LEU A 140 2.04 -10.98 -12.91
C LEU A 140 1.40 -9.58 -12.86
N LEU A 141 1.31 -9.00 -11.66
CA LEU A 141 0.80 -7.63 -11.52
C LEU A 141 2.08 -6.79 -11.46
N GLU A 142 2.41 -6.13 -12.56
CA GLU A 142 3.66 -5.38 -12.67
C GLU A 142 3.82 -4.14 -11.82
N PHE A 143 5.07 -3.70 -11.70
CA PHE A 143 5.41 -2.55 -10.87
C PHE A 143 4.53 -1.32 -11.04
N HIS A 144 4.02 -0.84 -9.93
CA HIS A 144 3.26 0.39 -9.91
C HIS A 144 3.45 1.09 -8.55
N THR A 145 3.54 2.41 -8.62
CA THR A 145 3.54 3.29 -7.45
C THR A 145 2.05 3.59 -7.38
N GLU A 146 1.40 3.27 -6.26
CA GLU A 146 -0.05 3.38 -6.20
C GLU A 146 -0.62 4.77 -6.45
N MET A 147 -1.48 4.88 -7.48
CA MET A 147 -2.10 6.19 -7.79
C MET A 147 -1.08 7.32 -7.94
N ALA A 148 0.02 7.00 -8.64
CA ALA A 148 1.07 7.99 -8.87
C ALA A 148 0.55 9.21 -9.61
N TYR A 149 -0.51 8.99 -10.38
CA TYR A 149 -1.14 10.01 -11.22
C TYR A 149 -2.22 10.82 -10.51
N HIS A 150 -2.46 10.55 -9.24
CA HIS A 150 -3.49 11.21 -8.44
C HIS A 150 -2.88 12.30 -7.60
N ARG A 151 -3.46 13.51 -7.63
CA ARG A 151 -2.94 14.58 -6.84
C ARG A 151 -2.97 14.26 -5.35
N LEU A 152 -3.95 13.45 -4.93
CA LEU A 152 -4.08 13.11 -3.53
C LEU A 152 -3.55 11.70 -3.22
N GLN A 153 -2.57 11.28 -4.03
CA GLN A 153 -1.85 10.00 -3.88
C GLN A 153 -1.45 9.82 -2.42
N PRO A 154 -1.66 8.62 -1.85
CA PRO A 154 -1.29 8.43 -0.45
C PRO A 154 0.18 8.13 -0.21
N ASN A 155 0.71 8.65 0.91
CA ASN A 155 2.10 8.41 1.30
C ASN A 155 2.36 6.91 1.53
N TYR A 156 1.38 6.20 2.12
CA TYR A 156 1.58 4.76 2.37
C TYR A 156 0.46 3.88 1.84
N VAL A 157 0.87 2.71 1.37
CA VAL A 157 -0.07 1.65 1.06
C VAL A 157 0.29 0.59 2.14
N MET A 158 -0.70 0.10 2.87
CA MET A 158 -0.48 -0.93 3.88
C MET A 158 -1.21 -2.19 3.47
N LEU A 159 -0.54 -3.35 3.57
CA LEU A 159 -1.17 -4.62 3.21
C LEU A 159 -1.04 -5.57 4.39
N ALA A 160 -2.14 -6.02 4.97
CA ALA A 160 -2.08 -7.00 6.07
C ALA A 160 -2.58 -8.32 5.55
N CYS A 161 -1.96 -9.41 5.98
CA CYS A 161 -2.34 -10.71 5.48
C CYS A 161 -3.14 -11.60 6.42
N SER A 162 -4.35 -11.96 6.02
CA SER A 162 -5.15 -12.93 6.81
C SER A 162 -4.91 -14.33 6.26
N ARG A 163 -4.76 -14.47 4.95
CA ARG A 163 -4.41 -15.75 4.32
C ARG A 163 -3.38 -15.57 3.23
N ALA A 164 -2.37 -16.44 3.20
CA ALA A 164 -1.45 -16.44 2.07
C ALA A 164 -2.06 -17.43 1.06
N ASP A 165 -1.56 -17.41 -0.17
CA ASP A 165 -2.04 -18.37 -1.16
C ASP A 165 -1.56 -19.77 -0.71
N HIS A 166 -2.28 -20.81 -1.13
CA HIS A 166 -1.95 -22.16 -0.72
C HIS A 166 -0.49 -22.61 -0.79
N GLU A 167 0.14 -22.36 -1.94
CA GLU A 167 1.53 -22.80 -2.12
C GLU A 167 2.55 -21.75 -1.75
N ARG A 168 2.06 -20.61 -1.26
CA ARG A 168 2.93 -19.51 -0.86
C ARG A 168 3.91 -19.11 -1.96
N THR A 169 3.36 -18.91 -3.16
CA THR A 169 4.15 -18.47 -4.28
C THR A 169 3.98 -16.99 -4.63
N ALA A 170 2.91 -16.37 -4.14
CA ALA A 170 2.69 -14.95 -4.46
C ALA A 170 3.67 -14.09 -3.66
N ALA A 171 4.57 -13.42 -4.37
CA ALA A 171 5.54 -12.56 -3.71
C ALA A 171 5.17 -11.09 -3.98
N THR A 172 5.23 -10.26 -2.95
CA THR A 172 4.97 -8.83 -3.10
C THR A 172 6.37 -8.25 -3.29
N LEU A 173 6.58 -7.68 -4.47
CA LEU A 173 7.88 -7.10 -4.81
C LEU A 173 7.90 -5.60 -4.53
N VAL A 174 9.02 -5.12 -3.98
CA VAL A 174 9.16 -3.70 -3.71
C VAL A 174 10.52 -3.24 -4.22
N ALA A 175 10.55 -2.14 -4.97
CA ALA A 175 11.83 -1.57 -5.45
C ALA A 175 11.87 -0.15 -4.92
N SER A 176 13.00 0.23 -4.34
CA SER A 176 13.16 1.53 -3.71
C SER A 176 14.02 2.51 -4.50
N VAL A 177 13.54 3.74 -4.61
CA VAL A 177 14.29 4.79 -5.31
C VAL A 177 15.64 5.04 -4.64
N ARG A 178 15.74 4.85 -3.31
CA ARG A 178 17.03 5.08 -2.66
C ARG A 178 18.10 4.06 -3.03
N LYS A 179 17.66 2.87 -3.46
CA LYS A 179 18.62 1.86 -3.91
C LYS A 179 18.84 1.96 -5.42
N ALA A 180 17.82 2.38 -6.17
CA ALA A 180 17.92 2.46 -7.63
C ALA A 180 18.66 3.69 -8.12
N LEU A 181 18.50 4.81 -7.42
CA LEU A 181 19.10 6.08 -7.87
C LEU A 181 20.60 6.05 -8.13
N PRO A 182 21.40 5.46 -7.23
CA PRO A 182 22.86 5.41 -7.44
C PRO A 182 23.27 4.74 -8.76
N LEU A 183 22.39 3.90 -9.30
CA LEU A 183 22.63 3.17 -10.53
C LEU A 183 22.43 3.98 -11.81
N LEU A 184 21.81 5.16 -11.67
CA LEU A 184 21.53 6.00 -12.83
C LEU A 184 22.63 7.03 -12.98
N ASP A 185 22.95 7.41 -14.22
CA ASP A 185 23.99 8.42 -14.40
C ASP A 185 23.39 9.81 -14.14
N GLU A 186 24.25 10.82 -14.06
CA GLU A 186 23.74 12.15 -13.75
C GLU A 186 22.79 12.72 -14.78
N ARG A 187 23.06 12.47 -16.05
CA ARG A 187 22.19 13.00 -17.08
C ARG A 187 20.79 12.37 -17.01
N THR A 188 20.73 11.07 -16.71
CA THR A 188 19.44 10.38 -16.61
C THR A 188 18.66 10.94 -15.42
N ARG A 189 19.32 11.09 -14.27
CA ARG A 189 18.66 11.65 -13.09
C ARG A 189 18.14 13.05 -13.39
N ALA A 190 19.00 13.86 -14.03
CA ALA A 190 18.61 15.22 -14.36
C ALA A 190 17.39 15.26 -15.29
N ARG A 191 17.35 14.37 -16.27
CA ARG A 191 16.22 14.31 -17.20
C ARG A 191 14.91 13.95 -16.52
N LEU A 192 14.97 13.01 -15.57
CA LEU A 192 13.79 12.57 -14.85
C LEU A 192 13.29 13.54 -13.80
N LEU A 193 14.23 14.19 -13.12
CA LEU A 193 13.89 15.07 -12.00
C LEU A 193 12.97 16.23 -12.34
N ASP A 194 11.79 16.21 -11.72
CA ASP A 194 10.76 17.23 -11.88
C ASP A 194 10.22 17.34 -13.29
N ARG A 195 10.41 16.31 -14.11
CA ARG A 195 9.92 16.38 -15.47
C ARG A 195 8.61 15.65 -15.66
N ARG A 196 7.55 16.40 -15.96
CA ARG A 196 6.24 15.82 -16.18
C ARG A 196 6.16 14.99 -17.46
N MET A 197 5.61 13.79 -17.32
CA MET A 197 5.46 12.89 -18.45
C MET A 197 4.04 12.33 -18.42
N PRO A 198 3.46 12.06 -19.59
CA PRO A 198 2.10 11.52 -19.68
C PRO A 198 1.95 10.22 -18.89
N CYS A 199 0.81 10.09 -18.19
CA CYS A 199 0.53 8.88 -17.42
C CYS A 199 -0.94 8.57 -17.47
N CYS A 200 -1.26 7.32 -17.81
CA CYS A 200 -2.65 6.89 -17.84
C CYS A 200 -3.06 6.64 -16.39
N VAL A 201 -4.33 6.33 -16.19
CA VAL A 201 -4.84 6.08 -14.84
C VAL A 201 -5.41 4.67 -14.74
N ASP A 202 -5.63 4.19 -13.51
CA ASP A 202 -6.18 2.87 -13.29
C ASP A 202 -7.61 2.83 -13.78
N VAL A 203 -8.08 1.62 -14.06
CA VAL A 203 -9.42 1.41 -14.59
C VAL A 203 -10.48 2.17 -13.80
N ALA A 204 -10.40 2.14 -12.48
CA ALA A 204 -11.41 2.81 -11.67
C ALA A 204 -11.58 4.29 -11.93
N PHE A 205 -10.52 4.96 -12.38
CA PHE A 205 -10.56 6.39 -12.60
C PHE A 205 -10.78 6.84 -14.03
N ARG A 206 -11.08 5.90 -14.92
CA ARG A 206 -11.28 6.29 -16.31
C ARG A 206 -12.70 6.81 -16.60
N ILE A 215 -5.43 13.24 -19.68
CA ILE A 215 -4.86 12.27 -18.70
C ILE A 215 -4.12 12.98 -17.58
N ALA A 216 -3.08 12.34 -17.09
CA ALA A 216 -2.29 12.89 -16.00
C ALA A 216 -0.85 13.11 -16.43
N GLN A 217 -0.14 13.92 -15.65
CA GLN A 217 1.26 14.22 -15.88
C GLN A 217 1.96 13.78 -14.60
N VAL A 218 2.95 12.91 -14.74
CA VAL A 218 3.65 12.43 -13.56
C VAL A 218 5.14 12.70 -13.69
N LYS A 219 5.75 13.18 -12.60
CA LYS A 219 7.20 13.42 -12.55
C LYS A 219 7.76 12.12 -11.99
N PRO A 220 8.54 11.36 -12.79
CA PRO A 220 9.07 10.08 -12.28
C PRO A 220 9.96 10.24 -11.06
N LEU A 221 10.73 11.33 -11.02
CA LEU A 221 11.52 11.66 -9.85
C LEU A 221 11.14 13.10 -9.49
N TYR A 222 11.11 13.42 -8.21
CA TYR A 222 10.78 14.77 -7.78
C TYR A 222 11.29 15.05 -6.39
N GLY A 223 11.33 16.35 -6.03
CA GLY A 223 11.83 16.74 -4.72
C GLY A 223 13.34 16.94 -4.68
N ASP A 224 13.92 16.86 -3.50
CA ASP A 224 15.35 17.03 -3.30
C ASP A 224 16.16 16.16 -4.26
N ALA A 225 17.01 16.77 -5.08
CA ALA A 225 17.81 16.00 -6.04
C ALA A 225 18.70 14.92 -5.43
N ASP A 226 19.12 15.12 -4.18
CA ASP A 226 19.98 14.15 -3.51
C ASP A 226 19.21 13.00 -2.89
N ASP A 227 17.89 13.11 -2.78
CA ASP A 227 17.07 12.05 -2.17
C ASP A 227 15.64 12.22 -2.69
N PRO A 228 15.48 12.07 -4.01
CA PRO A 228 14.16 12.26 -4.60
C PRO A 228 13.10 11.24 -4.31
N PHE A 229 11.85 11.69 -4.52
CA PHE A 229 10.69 10.83 -4.43
C PHE A 229 10.56 10.20 -5.82
N LEU A 230 9.77 9.14 -5.88
CA LEU A 230 9.56 8.33 -7.08
C LEU A 230 8.09 8.15 -7.46
N GLY A 231 7.79 8.26 -8.76
CA GLY A 231 6.43 8.01 -9.25
C GLY A 231 6.65 7.14 -10.49
N TYR A 232 6.44 5.83 -10.40
CA TYR A 232 6.68 4.95 -11.54
C TYR A 232 5.57 3.94 -11.73
N ASP A 233 5.20 3.68 -12.99
CA ASP A 233 4.19 2.66 -13.27
C ASP A 233 4.55 2.01 -14.59
N ARG A 234 4.87 0.71 -14.52
CA ARG A 234 5.33 -0.05 -15.68
C ARG A 234 4.27 -0.21 -16.75
N GLU A 235 3.02 -0.05 -16.37
CA GLU A 235 1.94 -0.18 -17.34
C GLU A 235 1.37 1.16 -17.79
N LEU A 236 1.31 2.11 -16.86
CA LEU A 236 0.64 3.39 -17.14
C LEU A 236 1.46 4.60 -17.52
N LEU A 237 2.71 4.65 -17.10
CA LEU A 237 3.53 5.79 -17.43
C LEU A 237 3.83 5.68 -18.92
N ALA A 238 3.62 6.78 -19.64
CA ALA A 238 3.79 6.74 -21.08
C ALA A 238 4.55 7.91 -21.68
N PRO A 239 5.88 7.94 -21.50
CA PRO A 239 6.71 9.00 -22.05
C PRO A 239 6.60 8.92 -23.57
N GLU A 240 6.66 10.07 -24.23
CA GLU A 240 6.59 10.11 -25.70
C GLU A 240 7.93 10.54 -26.31
N ASP A 241 8.51 11.60 -25.75
CA ASP A 241 9.80 12.10 -26.21
C ASP A 241 10.80 10.96 -26.08
N PRO A 242 11.65 10.74 -27.10
CA PRO A 242 12.63 9.65 -27.02
C PRO A 242 13.62 9.76 -25.86
N ALA A 243 13.99 10.97 -25.49
CA ALA A 243 14.93 11.16 -24.40
C ALA A 243 14.23 10.75 -23.11
N ASP A 244 12.94 11.06 -23.02
CA ASP A 244 12.16 10.68 -21.83
C ASP A 244 12.01 9.15 -21.76
N LYS A 245 11.70 8.52 -22.90
CA LYS A 245 11.54 7.06 -22.90
C LYS A 245 12.84 6.39 -22.46
N GLU A 246 13.96 6.92 -22.95
CA GLU A 246 15.26 6.37 -22.63
C GLU A 246 15.54 6.46 -21.13
N ALA A 247 15.22 7.61 -20.56
CA ALA A 247 15.47 7.82 -19.14
C ALA A 247 14.58 6.94 -18.28
N VAL A 248 13.32 6.78 -18.69
CA VAL A 248 12.41 5.93 -17.92
C VAL A 248 12.86 4.47 -18.05
N ALA A 249 13.35 4.08 -19.22
CA ALA A 249 13.80 2.70 -19.41
C ALA A 249 14.99 2.42 -18.49
N ALA A 250 15.86 3.43 -18.30
CA ALA A 250 17.03 3.26 -17.41
C ALA A 250 16.54 3.13 -15.97
N LEU A 251 15.54 3.95 -15.62
CA LEU A 251 14.95 3.90 -14.28
C LEU A 251 14.31 2.53 -14.04
N SER A 252 13.59 2.04 -15.04
CA SER A 252 12.91 0.75 -14.97
C SER A 252 13.89 -0.38 -14.70
N LYS A 253 14.99 -0.38 -15.43
CA LYS A 253 16.01 -1.41 -15.28
C LYS A 253 16.62 -1.36 -13.87
N ALA A 254 16.94 -0.16 -13.41
CA ALA A 254 17.54 -0.02 -12.07
C ALA A 254 16.57 -0.49 -10.98
N LEU A 255 15.26 -0.21 -11.16
CA LEU A 255 14.27 -0.66 -10.17
C LEU A 255 14.26 -2.20 -10.16
N ASP A 256 14.29 -2.82 -11.34
CA ASP A 256 14.36 -4.29 -11.38
C ASP A 256 15.60 -4.78 -10.63
N GLU A 257 16.74 -4.13 -10.88
CA GLU A 257 17.99 -4.52 -10.26
C GLU A 257 18.08 -4.41 -8.74
N VAL A 258 17.15 -3.67 -8.13
CA VAL A 258 17.13 -3.56 -6.68
C VAL A 258 15.83 -4.14 -6.07
N THR A 259 15.13 -4.94 -6.85
CA THR A 259 13.90 -5.58 -6.37
C THR A 259 14.10 -6.44 -5.15
N GLU A 260 13.24 -6.25 -4.15
CA GLU A 260 13.22 -7.07 -2.94
C GLU A 260 11.84 -7.75 -2.90
N ALA A 261 11.76 -8.89 -2.21
CA ALA A 261 10.51 -9.64 -2.17
C ALA A 261 10.06 -9.96 -0.76
N VAL A 262 8.75 -9.86 -0.55
CA VAL A 262 8.14 -10.19 0.73
C VAL A 262 7.07 -11.23 0.45
N TYR A 263 7.17 -12.39 1.07
CA TYR A 263 6.12 -13.41 0.91
C TYR A 263 5.19 -13.23 2.11
N LEU A 264 4.06 -12.53 1.90
CA LEU A 264 3.17 -12.23 3.03
C LEU A 264 2.53 -13.48 3.61
N GLU A 265 2.61 -13.60 4.93
CA GLU A 265 1.96 -14.73 5.59
C GLU A 265 1.03 -14.16 6.65
N PRO A 266 0.10 -15.00 7.12
CA PRO A 266 -0.85 -14.51 8.14
C PRO A 266 -0.15 -13.80 9.28
N GLY A 267 -0.68 -12.64 9.66
CA GLY A 267 -0.07 -11.90 10.75
C GLY A 267 0.92 -10.83 10.28
N ASP A 268 1.26 -10.83 9.00
CA ASP A 268 2.17 -9.84 8.46
C ASP A 268 1.44 -8.58 8.09
N LEU A 269 2.08 -7.45 8.32
CA LEU A 269 1.52 -6.16 7.90
C LEU A 269 2.68 -5.38 7.25
N LEU A 270 2.56 -5.18 5.95
CA LEU A 270 3.60 -4.51 5.17
C LEU A 270 3.24 -3.07 4.90
N ILE A 271 4.14 -2.16 5.28
CA ILE A 271 3.95 -0.72 5.07
C ILE A 271 4.88 -0.32 3.94
N VAL A 272 4.29 0.12 2.84
CA VAL A 272 5.06 0.55 1.68
C VAL A 272 5.12 2.08 1.59
N ASP A 273 6.33 2.63 1.53
CA ASP A 273 6.50 4.07 1.35
C ASP A 273 6.20 4.32 -0.11
N ASN A 274 4.96 4.76 -0.35
CA ASN A 274 4.42 4.96 -1.67
C ASN A 274 4.91 6.20 -2.40
N PHE A 275 5.79 6.97 -1.75
CA PHE A 275 6.41 8.09 -2.44
C PHE A 275 7.87 7.74 -2.78
N ARG A 276 8.34 6.55 -2.40
CA ARG A 276 9.76 6.19 -2.65
C ARG A 276 9.94 4.80 -3.22
N THR A 277 8.83 4.15 -3.59
CA THR A 277 8.91 2.82 -4.10
C THR A 277 7.90 2.59 -5.23
N THR A 278 7.99 1.39 -5.79
CA THR A 278 7.03 0.90 -6.76
C THR A 278 6.89 -0.56 -6.31
N HIS A 279 5.71 -1.16 -6.45
CA HIS A 279 5.52 -2.55 -6.00
C HIS A 279 4.74 -3.40 -6.99
N ALA A 280 4.82 -4.73 -6.83
CA ALA A 280 4.21 -5.69 -7.73
C ALA A 280 3.86 -6.98 -7.02
N ARG A 281 3.18 -7.90 -7.71
CA ARG A 281 2.86 -9.20 -7.12
C ARG A 281 3.07 -10.28 -8.15
N THR A 282 3.82 -11.32 -7.79
CA THR A 282 4.07 -12.42 -8.72
C THR A 282 2.88 -13.38 -8.81
N PRO A 283 2.89 -14.27 -9.81
CA PRO A 283 1.80 -15.23 -9.99
C PRO A 283 1.55 -16.27 -8.91
N PHE A 284 0.27 -16.65 -8.80
CA PHE A 284 -0.12 -17.75 -7.93
C PHE A 284 -1.39 -18.34 -8.55
N SER A 285 -1.68 -19.61 -8.24
CA SER A 285 -2.84 -20.29 -8.80
C SER A 285 -3.91 -20.48 -7.76
N PRO A 286 -5.03 -19.77 -7.89
CA PRO A 286 -6.08 -19.91 -6.88
C PRO A 286 -6.75 -21.29 -6.95
N ARG A 287 -7.44 -21.64 -5.88
CA ARG A 287 -8.12 -22.94 -5.82
C ARG A 287 -9.63 -22.79 -5.76
N TRP A 288 -10.09 -21.56 -5.55
CA TRP A 288 -11.52 -21.27 -5.45
C TRP A 288 -12.19 -22.21 -4.46
N ASP A 289 -11.58 -22.39 -3.29
CA ASP A 289 -12.05 -23.31 -2.27
C ASP A 289 -12.48 -22.63 -0.97
N GLY A 290 -12.51 -21.30 -0.99
CA GLY A 290 -12.88 -20.54 0.18
C GLY A 290 -11.71 -20.19 1.10
N LYS A 291 -10.51 -20.65 0.73
CA LYS A 291 -9.31 -20.39 1.52
C LYS A 291 -8.23 -19.71 0.68
N ASP A 292 -8.62 -19.06 -0.40
CA ASP A 292 -7.65 -18.36 -1.23
C ASP A 292 -7.01 -17.18 -0.49
N ARG A 293 -5.88 -16.73 -1.02
CA ARG A 293 -5.14 -15.59 -0.51
C ARG A 293 -6.08 -14.43 -0.21
N TRP A 294 -5.81 -13.77 0.90
CA TRP A 294 -6.66 -12.69 1.35
C TRP A 294 -5.84 -11.64 2.12
N LEU A 295 -5.65 -10.50 1.50
CA LEU A 295 -4.99 -9.39 2.17
C LEU A 295 -6.05 -8.31 2.40
N HIS A 296 -5.69 -7.37 3.25
CA HIS A 296 -6.50 -6.18 3.56
C HIS A 296 -5.60 -4.99 3.21
N ARG A 297 -6.10 -4.10 2.36
CA ARG A 297 -5.36 -2.92 1.93
C ARG A 297 -5.98 -1.62 2.42
N VAL A 298 -5.14 -0.71 2.91
CA VAL A 298 -5.60 0.61 3.26
C VAL A 298 -4.55 1.61 2.80
N TYR A 299 -4.99 2.85 2.61
CA TYR A 299 -4.13 3.94 2.16
C TYR A 299 -4.03 4.97 3.26
N ILE A 300 -2.82 5.45 3.52
CA ILE A 300 -2.63 6.43 4.59
C ILE A 300 -2.03 7.74 4.06
N ARG A 301 -2.69 8.86 4.39
CA ARG A 301 -2.17 10.18 4.04
C ARG A 301 -1.47 10.79 5.26
N THR A 302 -0.40 11.55 5.00
CA THR A 302 0.38 12.22 6.05
C THR A 302 0.54 13.71 5.72
N ASP A 303 1.35 14.40 6.53
CA ASP A 303 1.61 15.82 6.32
C ASP A 303 2.63 16.05 5.20
N ARG A 304 3.22 14.99 4.63
CA ARG A 304 4.18 15.19 3.52
C ARG A 304 3.44 15.97 2.47
N ASN A 305 4.03 17.06 2.02
CA ASN A 305 3.26 17.97 1.19
C ASN A 305 2.43 17.59 -0.03
N GLY A 306 1.24 18.19 -0.02
CA GLY A 306 0.27 18.04 -1.07
C GLY A 306 -0.89 17.13 -0.71
N GLN A 307 -0.72 16.25 0.27
CA GLN A 307 -1.80 15.31 0.57
C GLN A 307 -3.00 15.88 1.32
N LEU A 308 -2.72 16.80 2.25
CA LEU A 308 -3.74 17.35 3.15
C LEU A 308 -3.79 18.86 3.03
N SER A 309 -5.00 19.40 3.01
CA SER A 309 -5.14 20.87 2.90
C SER A 309 -5.84 21.43 4.11
N GLY A 310 -6.29 20.58 5.01
CA GLY A 310 -6.96 21.05 6.21
C GLY A 310 -8.30 20.46 6.57
N GLY A 311 -8.46 20.08 7.83
CA GLY A 311 -9.73 19.54 8.28
C GLY A 311 -9.98 18.08 7.98
N GLU A 312 -9.03 17.41 7.34
CA GLU A 312 -9.23 15.99 7.03
C GLU A 312 -9.34 15.12 8.27
N ARG A 313 -10.10 14.03 8.15
CA ARG A 313 -10.25 13.03 9.20
C ARG A 313 -9.95 11.65 8.58
N ALA A 314 -9.48 10.73 9.43
CA ALA A 314 -9.20 9.37 8.99
C ALA A 314 -10.59 8.79 8.68
N GLY A 315 -10.73 8.29 7.45
CA GLY A 315 -12.00 7.75 7.02
C GLY A 315 -12.59 8.58 5.89
N ASP A 316 -12.02 9.75 5.65
CA ASP A 316 -12.54 10.60 4.57
C ASP A 316 -12.34 9.92 3.22
N VAL A 317 -13.19 10.28 2.25
CA VAL A 317 -13.14 9.77 0.90
C VAL A 317 -12.88 10.99 0.02
N VAL A 318 -11.88 10.89 -0.86
CA VAL A 318 -11.55 12.01 -1.74
C VAL A 318 -11.82 11.69 -3.19
N ALA A 319 -12.08 12.74 -3.96
CA ALA A 319 -12.38 12.61 -5.38
C ALA A 319 -11.13 12.68 -6.25
N PHE A 320 -11.29 12.22 -7.47
CA PHE A 320 -10.18 12.18 -8.38
C PHE A 320 -9.81 13.50 -9.04
N THR A 321 -8.52 13.83 -8.98
CA THR A 321 -7.98 14.99 -9.69
C THR A 321 -6.62 14.51 -10.18
N PRO A 322 -6.39 14.53 -11.49
CA PRO A 322 -5.10 14.09 -12.02
C PRO A 322 -3.99 15.08 -11.75
N ARG A 323 -2.78 14.57 -11.59
CA ARG A 323 -1.63 15.47 -11.41
C ARG A 323 -1.40 16.15 -12.75
N GLY A 324 -0.87 17.35 -12.69
CA GLY A 324 -0.60 18.05 -13.93
C GLY A 324 -0.65 19.54 -13.76
FE FE B . -0.71 -1.86 -5.37
C1 AKG C . -2.47 -3.98 -5.80
O1 AKG C . -2.43 -2.75 -5.94
O2 AKG C . -3.57 -4.68 -6.07
C2 AKG C . -1.28 -4.67 -5.28
O5 AKG C . -0.23 -4.08 -5.29
C3 AKG C . -1.39 -6.10 -4.77
C4 AKG C . -0.16 -6.54 -3.89
C5 AKG C . -0.29 -8.00 -3.50
O3 AKG C . 0.69 -8.48 -2.80
O4 AKG C . -1.25 -8.67 -3.84
S SO4 D . -18.97 -2.29 19.92
O1 SO4 D . -18.78 -1.86 21.33
O2 SO4 D . -20.30 -2.93 19.77
O3 SO4 D . -17.91 -3.26 19.59
O4 SO4 D . -18.91 -1.10 19.06
S SO4 E . 17.64 2.14 6.91
O1 SO4 E . 19.06 1.95 7.33
O2 SO4 E . 17.55 3.35 6.07
O3 SO4 E . 16.81 2.31 8.12
O4 SO4 E . 17.22 0.96 6.14
S SO4 F . 0.43 18.06 -8.84
O1 SO4 F . 1.29 19.25 -8.64
O2 SO4 F . -0.40 17.85 -7.63
O3 SO4 F . 1.27 16.88 -9.10
O4 SO4 F . -0.46 18.30 -10.00
N1 PCX G . -5.12 -0.27 -8.47
C1 PCX G . -5.17 -1.57 -9.09
C2 PCX G . -3.90 -2.43 -9.01
C4 PCX G . -2.71 -1.82 -9.82
C5 PCX G . -2.97 -1.89 -11.36
N2 PCX G . -1.68 -1.84 -12.08
C6 PCX G . -1.06 -0.70 -12.48
N3 PCX G . -1.61 0.50 -12.25
N4 PCX G . 0.08 -0.80 -13.10
C3 PCX G . -6.26 -2.26 -8.30
O1 PCX G . -6.46 -2.05 -7.10
O2 PCX G . -7.00 -3.12 -8.98
C8 PCX G . -5.85 0.89 -8.46
C9 PCX G . -4.89 1.51 -7.49
O4 PCX G . -6.86 1.21 -9.03
C7 PCX G . -4.14 0.22 -7.55
N HOA H . -1.22 -2.23 -3.70
O HOA H . -1.64 -3.04 -2.97
#